data_2DYA
#
_entry.id   2DYA
#
_cell.length_a   69.707
_cell.length_b   69.707
_cell.length_c   107.117
_cell.angle_alpha   90.00
_cell.angle_beta   90.00
_cell.angle_gamma   120.00
#
_symmetry.space_group_name_H-M   'P 63'
#
loop_
_entity.id
_entity.type
_entity.pdbx_description
1 polymer 'Nucleoside diphosphate kinase'
2 non-polymer 'MAGNESIUM ION'
3 non-polymer 'CHLORIDE ION'
4 non-polymer "ADENOSINE-5'-DIPHOSPHATE"
5 water water
#
_entity_poly.entity_id   1
_entity_poly.type   'polypeptide(L)'
_entity_poly.pdbx_seq_one_letter_code
;MFQMSETERTLVIIKPDAVVRGLIGEIISRFEKKGLKIVGMKMIWIDRELAEKHYEEHREKPFFKALIDYITKTPVVVMV
LEGRYAVEVVRKMAGATDPKDAAPGTIRGDFGLEVSDAICNVIHASDSKESAEREISLFFKPEELFEYPRAADWFYKKGI
;
_entity_poly.pdbx_strand_id   A,B
#
# COMPACT_ATOMS: atom_id res chain seq x y z
N SER A 5 -18.72 19.74 8.07
CA SER A 5 -18.63 18.57 7.15
C SER A 5 -18.31 17.31 7.94
N GLU A 6 -18.90 16.19 7.52
CA GLU A 6 -18.68 14.92 8.19
C GLU A 6 -17.46 14.21 7.63
N THR A 7 -17.06 14.59 6.43
CA THR A 7 -15.90 13.97 5.80
C THR A 7 -14.62 14.47 6.47
N GLU A 8 -13.83 13.53 6.97
CA GLU A 8 -12.58 13.86 7.63
C GLU A 8 -11.48 12.89 7.24
N ARG A 9 -10.24 13.28 7.53
CA ARG A 9 -9.10 12.45 7.21
C ARG A 9 -8.40 11.98 8.48
N THR A 10 -7.91 10.75 8.45
CA THR A 10 -7.20 10.23 9.61
C THR A 10 -5.91 9.58 9.12
N LEU A 11 -4.92 9.53 10.00
CA LEU A 11 -3.62 8.95 9.68
C LEU A 11 -3.51 7.55 10.27
N VAL A 12 -3.16 6.58 9.43
CA VAL A 12 -3.00 5.21 9.91
C VAL A 12 -1.58 4.75 9.62
N ILE A 13 -1.02 3.98 10.55
CA ILE A 13 0.32 3.43 10.37
C ILE A 13 0.20 1.92 10.50
N ILE A 14 0.60 1.21 9.46
CA ILE A 14 0.62 -0.25 9.48
C ILE A 14 1.99 -0.52 10.10
N LYS A 15 1.99 -0.89 11.38
CA LYS A 15 3.21 -1.13 12.16
C LYS A 15 4.13 -2.24 11.69
N PRO A 16 5.41 -2.20 12.12
CA PRO A 16 6.41 -3.21 11.75
C PRO A 16 5.96 -4.66 11.88
N ASP A 17 5.23 -4.98 12.94
CA ASP A 17 4.76 -6.35 13.11
C ASP A 17 3.82 -6.76 11.97
N ALA A 18 2.98 -5.83 11.53
CA ALA A 18 2.05 -6.11 10.42
C ALA A 18 2.81 -6.28 9.10
N VAL A 19 3.81 -5.43 8.90
CA VAL A 19 4.63 -5.49 7.69
C VAL A 19 5.36 -6.82 7.61
N VAL A 20 6.06 -7.17 8.69
CA VAL A 20 6.83 -8.41 8.76
C VAL A 20 5.98 -9.65 8.54
N ARG A 21 4.76 -9.65 9.08
CA ARG A 21 3.85 -10.77 8.95
C ARG A 21 3.08 -10.82 7.62
N GLY A 22 3.29 -9.83 6.76
CA GLY A 22 2.61 -9.79 5.48
C GLY A 22 1.11 -9.52 5.55
N LEU A 23 0.71 -8.58 6.40
CA LEU A 23 -0.70 -8.25 6.57
C LEU A 23 -1.11 -6.90 5.98
N ILE A 24 -0.20 -6.22 5.29
CA ILE A 24 -0.48 -4.91 4.71
C ILE A 24 -1.74 -4.91 3.84
N GLY A 25 -1.81 -5.84 2.89
CA GLY A 25 -2.95 -5.92 2.00
C GLY A 25 -4.28 -6.19 2.68
N GLU A 26 -4.28 -7.10 3.65
CA GLU A 26 -5.49 -7.45 4.38
C GLU A 26 -6.03 -6.25 5.17
N ILE A 27 -5.13 -5.52 5.81
CA ILE A 27 -5.51 -4.34 6.58
C ILE A 27 -6.08 -3.28 5.63
N ILE A 28 -5.37 -3.01 4.54
CA ILE A 28 -5.84 -2.02 3.56
C ILE A 28 -7.22 -2.39 3.02
N SER A 29 -7.44 -3.67 2.75
CA SER A 29 -8.72 -4.12 2.20
C SER A 29 -9.88 -3.83 3.14
N ARG A 30 -9.65 -3.94 4.44
CA ARG A 30 -10.72 -3.67 5.41
C ARG A 30 -11.23 -2.24 5.26
N PHE A 31 -10.30 -1.31 5.03
CA PHE A 31 -10.68 0.09 4.86
C PHE A 31 -11.38 0.30 3.52
N GLU A 32 -10.82 -0.26 2.46
CA GLU A 32 -11.43 -0.12 1.14
C GLU A 32 -12.85 -0.69 1.13
N LYS A 33 -13.03 -1.84 1.78
CA LYS A 33 -14.35 -2.48 1.83
C LYS A 33 -15.37 -1.69 2.63
N LYS A 34 -14.88 -0.92 3.60
CA LYS A 34 -15.73 -0.10 4.46
C LYS A 34 -16.24 1.11 3.66
N GLY A 35 -15.51 1.48 2.62
CA GLY A 35 -15.88 2.62 1.80
C GLY A 35 -14.92 3.78 2.02
N LEU A 36 -13.88 3.55 2.80
CA LEU A 36 -12.88 4.57 3.09
C LEU A 36 -11.98 4.76 1.88
N LYS A 37 -11.56 6.00 1.64
CA LYS A 37 -10.70 6.31 0.50
C LYS A 37 -9.26 6.58 0.88
N ILE A 38 -8.35 5.92 0.18
CA ILE A 38 -6.91 6.11 0.42
C ILE A 38 -6.53 7.33 -0.40
N VAL A 39 -6.21 8.43 0.29
CA VAL A 39 -5.83 9.66 -0.40
C VAL A 39 -4.33 9.92 -0.31
N GLY A 40 -3.62 9.02 0.37
CA GLY A 40 -2.19 9.15 0.52
C GLY A 40 -1.62 7.89 1.14
N MET A 41 -0.42 7.47 0.71
CA MET A 41 0.19 6.26 1.25
C MET A 41 1.60 6.04 0.75
N LYS A 42 2.44 5.47 1.62
CA LYS A 42 3.83 5.19 1.26
C LYS A 42 4.57 4.38 2.32
N MET A 43 5.47 3.53 1.85
CA MET A 43 6.29 2.74 2.78
C MET A 43 7.49 3.61 3.12
N ILE A 44 7.76 3.75 4.41
CA ILE A 44 8.87 4.55 4.87
C ILE A 44 9.50 3.83 6.05
N TRP A 45 10.68 4.28 6.46
CA TRP A 45 11.35 3.70 7.61
C TRP A 45 11.55 4.84 8.59
N ILE A 46 10.70 4.90 9.59
CA ILE A 46 10.72 5.96 10.60
C ILE A 46 11.94 5.88 11.49
N ASP A 47 12.58 7.03 11.73
CA ASP A 47 13.74 7.06 12.60
C ASP A 47 13.29 7.54 13.98
N ARG A 48 14.14 7.39 14.99
CA ARG A 48 13.78 7.79 16.34
C ARG A 48 13.25 9.21 16.49
N GLU A 49 13.88 10.17 15.82
CA GLU A 49 13.43 11.56 15.91
C GLU A 49 11.99 11.75 15.46
N LEU A 50 11.64 11.24 14.29
CA LEU A 50 10.29 11.36 13.76
C LEU A 50 9.31 10.56 14.62
N ALA A 51 9.72 9.39 15.06
CA ALA A 51 8.88 8.53 15.88
C ALA A 51 8.49 9.21 17.19
N GLU A 52 9.44 9.89 17.83
CA GLU A 52 9.16 10.56 19.08
C GLU A 52 8.21 11.75 18.91
N LYS A 53 8.26 12.40 17.75
CA LYS A 53 7.35 13.51 17.49
C LYS A 53 5.94 12.96 17.36
N HIS A 54 5.82 11.83 16.67
CA HIS A 54 4.54 11.18 16.46
C HIS A 54 3.93 10.75 17.80
N TYR A 55 4.75 10.10 18.64
CA TYR A 55 4.30 9.64 19.95
C TYR A 55 4.69 10.56 21.10
N GLU A 56 4.68 11.86 20.85
CA GLU A 56 5.04 12.85 21.87
C GLU A 56 4.27 12.71 23.18
N GLU A 57 2.99 12.40 23.09
CA GLU A 57 2.14 12.26 24.28
C GLU A 57 2.59 11.19 25.26
N HIS A 58 3.44 10.26 24.81
CA HIS A 58 3.91 9.18 25.68
C HIS A 58 5.33 9.33 26.20
N ARG A 59 5.96 10.45 25.89
CA ARG A 59 7.34 10.70 26.30
C ARG A 59 7.63 10.48 27.78
N GLU A 60 6.64 10.71 28.64
CA GLU A 60 6.83 10.55 30.08
C GLU A 60 6.39 9.20 30.64
N LYS A 61 6.07 8.26 29.75
CA LYS A 61 5.61 6.95 30.18
C LYS A 61 6.72 5.90 30.17
N PRO A 62 6.59 4.88 31.04
CA PRO A 62 7.58 3.80 31.16
C PRO A 62 7.89 3.06 29.85
N PHE A 63 6.87 2.88 29.03
CA PHE A 63 7.03 2.15 27.77
C PHE A 63 7.45 2.99 26.57
N PHE A 64 7.75 4.26 26.79
CA PHE A 64 8.14 5.14 25.69
C PHE A 64 9.28 4.60 24.81
N LYS A 65 10.45 4.39 25.41
CA LYS A 65 11.60 3.89 24.65
C LYS A 65 11.26 2.63 23.84
N ALA A 66 10.63 1.65 24.48
CA ALA A 66 10.27 0.41 23.82
C ALA A 66 9.29 0.65 22.67
N LEU A 67 8.46 1.67 22.80
CA LEU A 67 7.49 2.01 21.76
C LEU A 67 8.23 2.60 20.55
N ILE A 68 9.27 3.38 20.83
CA ILE A 68 10.04 4.00 19.77
C ILE A 68 10.86 2.92 19.05
N ASP A 69 11.37 1.95 19.82
CA ASP A 69 12.16 0.86 19.22
C ASP A 69 11.24 0.05 18.31
N TYR A 70 10.02 -0.18 18.78
CA TYR A 70 9.02 -0.96 18.06
C TYR A 70 8.58 -0.34 16.73
N ILE A 71 8.17 0.93 16.76
CA ILE A 71 7.71 1.61 15.56
C ILE A 71 8.82 1.84 14.54
N THR A 72 10.07 1.80 14.99
CA THR A 72 11.21 2.02 14.09
C THR A 72 11.95 0.72 13.77
N LYS A 73 11.38 -0.41 14.20
CA LYS A 73 12.01 -1.71 13.98
C LYS A 73 12.23 -2.08 12.51
N THR A 74 11.20 -1.89 11.68
CA THR A 74 11.31 -2.18 10.25
C THR A 74 10.49 -1.11 9.54
N PRO A 75 10.48 -1.11 8.21
CA PRO A 75 9.69 -0.08 7.53
C PRO A 75 8.20 -0.26 7.87
N VAL A 76 7.43 0.80 7.68
CA VAL A 76 6.00 0.77 7.95
C VAL A 76 5.29 1.37 6.73
N VAL A 77 3.96 1.32 6.74
CA VAL A 77 3.19 1.92 5.66
C VAL A 77 2.31 2.98 6.32
N VAL A 78 2.55 4.25 6.00
CA VAL A 78 1.74 5.31 6.55
C VAL A 78 0.74 5.69 5.47
N MET A 79 -0.52 5.88 5.86
CA MET A 79 -1.53 6.23 4.87
C MET A 79 -2.61 7.11 5.48
N VAL A 80 -3.25 7.88 4.62
CA VAL A 80 -4.30 8.79 5.05
C VAL A 80 -5.61 8.27 4.46
N LEU A 81 -6.58 8.04 5.33
CA LEU A 81 -7.89 7.55 4.92
C LEU A 81 -8.91 8.66 5.04
N GLU A 82 -9.74 8.82 4.01
CA GLU A 82 -10.75 9.85 4.00
C GLU A 82 -12.15 9.26 3.92
N GLY A 83 -13.08 9.86 4.68
CA GLY A 83 -14.45 9.38 4.67
C GLY A 83 -15.27 9.98 5.80
N ARG A 84 -16.56 9.73 5.76
CA ARG A 84 -17.49 10.21 6.77
C ARG A 84 -17.05 9.75 8.17
N TYR A 85 -16.76 10.72 9.05
CA TYR A 85 -16.32 10.43 10.41
C TYR A 85 -15.21 9.39 10.43
N ALA A 86 -14.28 9.52 9.49
CA ALA A 86 -13.16 8.60 9.34
C ALA A 86 -12.36 8.33 10.62
N VAL A 87 -12.15 9.38 11.42
CA VAL A 87 -11.37 9.22 12.66
C VAL A 87 -11.95 8.21 13.65
N GLU A 88 -13.18 8.44 14.12
CA GLU A 88 -13.80 7.53 15.07
C GLU A 88 -14.07 6.15 14.47
N VAL A 89 -14.35 6.12 13.16
CA VAL A 89 -14.63 4.86 12.48
C VAL A 89 -13.40 3.96 12.44
N VAL A 90 -12.26 4.50 12.02
CA VAL A 90 -11.02 3.73 11.96
C VAL A 90 -10.61 3.28 13.36
N ARG A 91 -10.79 4.14 14.36
CA ARG A 91 -10.45 3.80 15.74
C ARG A 91 -11.30 2.62 16.16
N LYS A 92 -12.57 2.64 15.75
CA LYS A 92 -13.52 1.58 16.06
C LYS A 92 -13.08 0.28 15.38
N MET A 93 -12.66 0.40 14.12
CA MET A 93 -12.21 -0.76 13.35
C MET A 93 -10.93 -1.35 13.92
N ALA A 94 -10.07 -0.50 14.48
CA ALA A 94 -8.80 -0.95 15.05
C ALA A 94 -8.99 -1.79 16.31
N GLY A 95 -9.76 -1.29 17.27
CA GLY A 95 -9.97 -2.04 18.49
C GLY A 95 -9.08 -1.61 19.64
N ALA A 96 -9.27 -2.25 20.79
CA ALA A 96 -8.49 -1.94 21.99
C ALA A 96 -6.98 -1.98 21.79
N THR A 97 -6.28 -1.10 22.50
CA THR A 97 -4.83 -0.99 22.43
C THR A 97 -4.13 -2.34 22.63
N ASP A 98 -4.56 -3.09 23.65
CA ASP A 98 -3.99 -4.39 23.92
C ASP A 98 -4.80 -5.38 23.10
N PRO A 99 -4.17 -6.04 22.11
CA PRO A 99 -4.84 -7.01 21.24
C PRO A 99 -5.65 -8.11 21.94
N LYS A 100 -5.21 -8.55 23.12
CA LYS A 100 -5.94 -9.60 23.83
C LYS A 100 -7.31 -9.14 24.30
N ASP A 101 -7.47 -7.82 24.43
CA ASP A 101 -8.74 -7.23 24.87
C ASP A 101 -9.57 -6.74 23.70
N ALA A 102 -8.99 -6.73 22.51
CA ALA A 102 -9.69 -6.27 21.32
C ALA A 102 -10.73 -7.31 20.87
N ALA A 103 -11.91 -6.84 20.53
CA ALA A 103 -13.00 -7.72 20.10
C ALA A 103 -12.78 -8.39 18.75
N PRO A 104 -13.25 -9.64 18.60
CA PRO A 104 -13.11 -10.34 17.33
C PRO A 104 -13.85 -9.50 16.28
N GLY A 105 -13.27 -9.36 15.10
CA GLY A 105 -13.90 -8.55 14.07
C GLY A 105 -13.10 -7.27 13.82
N THR A 106 -12.41 -6.79 14.85
CA THR A 106 -11.59 -5.60 14.72
C THR A 106 -10.23 -6.04 14.21
N ILE A 107 -9.44 -5.10 13.70
CA ILE A 107 -8.12 -5.42 13.16
C ILE A 107 -7.18 -5.97 14.24
N ARG A 108 -7.10 -5.28 15.38
CA ARG A 108 -6.25 -5.74 16.47
C ARG A 108 -6.83 -7.03 17.06
N GLY A 109 -8.14 -7.12 17.09
CA GLY A 109 -8.80 -8.31 17.62
C GLY A 109 -8.52 -9.55 16.79
N ASP A 110 -8.53 -9.43 15.47
CA ASP A 110 -8.29 -10.57 14.61
C ASP A 110 -6.83 -10.89 14.33
N PHE A 111 -5.98 -9.87 14.26
CA PHE A 111 -4.57 -10.05 13.94
C PHE A 111 -3.54 -9.93 15.06
N GLY A 112 -3.88 -9.25 16.15
CA GLY A 112 -2.90 -9.06 17.21
C GLY A 112 -3.00 -9.94 18.45
N LEU A 113 -1.88 -10.10 19.14
CA LEU A 113 -1.82 -10.90 20.36
C LEU A 113 -0.46 -10.85 21.05
N GLU A 114 0.55 -11.37 20.37
CA GLU A 114 1.91 -11.41 20.92
C GLU A 114 2.51 -10.02 21.08
N VAL A 115 3.33 -9.86 22.11
CA VAL A 115 3.96 -8.58 22.39
C VAL A 115 5.44 -8.71 22.72
N SER A 116 6.13 -7.58 22.73
CA SER A 116 7.54 -7.50 23.08
C SER A 116 7.53 -6.60 24.31
N ASP A 117 8.54 -5.74 24.47
CA ASP A 117 8.52 -4.83 25.61
C ASP A 117 7.52 -3.70 25.30
N ALA A 118 7.00 -3.72 24.07
CA ALA A 118 6.00 -2.76 23.62
C ALA A 118 4.78 -3.61 23.28
N ILE A 119 3.59 -3.04 23.40
CA ILE A 119 2.38 -3.78 23.08
C ILE A 119 2.18 -3.73 21.57
N CYS A 120 2.64 -4.77 20.88
CA CYS A 120 2.52 -4.86 19.43
C CYS A 120 1.05 -5.04 19.07
N ASN A 121 0.52 -4.12 18.26
CA ASN A 121 -0.89 -4.21 17.89
C ASN A 121 -1.28 -3.88 16.44
N VAL A 122 -0.50 -4.38 15.48
CA VAL A 122 -0.80 -4.24 14.06
C VAL A 122 -0.85 -2.85 13.42
N ILE A 123 -1.64 -1.93 13.99
CA ILE A 123 -1.73 -0.59 13.40
C ILE A 123 -1.94 0.55 14.40
N HIS A 124 -1.73 1.76 13.90
CA HIS A 124 -1.92 2.99 14.66
C HIS A 124 -3.03 3.75 13.94
N ALA A 125 -3.85 4.48 14.69
CA ALA A 125 -4.92 5.28 14.11
C ALA A 125 -5.03 6.57 14.93
N SER A 126 -5.16 7.71 14.25
CA SER A 126 -5.29 8.99 14.95
C SER A 126 -6.46 8.93 15.92
N ASP A 127 -6.33 9.58 17.08
CA ASP A 127 -7.40 9.53 18.08
C ASP A 127 -8.41 10.69 18.01
N SER A 128 -8.17 11.65 17.12
CA SER A 128 -9.08 12.78 16.94
C SER A 128 -8.77 13.50 15.63
N LYS A 129 -9.69 14.34 15.18
CA LYS A 129 -9.48 15.09 13.95
C LYS A 129 -8.27 16.00 14.09
N GLU A 130 -8.09 16.54 15.29
CA GLU A 130 -6.96 17.43 15.57
C GLU A 130 -5.63 16.69 15.48
N SER A 131 -5.55 15.51 16.07
CA SER A 131 -4.34 14.70 16.04
C SER A 131 -4.01 14.21 14.63
N ALA A 132 -5.04 13.85 13.88
CA ALA A 132 -4.85 13.37 12.51
C ALA A 132 -4.18 14.48 11.69
N GLU A 133 -4.68 15.70 11.83
CA GLU A 133 -4.12 16.85 11.12
C GLU A 133 -2.63 16.93 11.41
N ARG A 134 -2.29 16.87 12.71
CA ARG A 134 -0.91 16.95 13.16
C ARG A 134 -0.05 15.81 12.63
N GLU A 135 -0.55 14.59 12.75
CA GLU A 135 0.17 13.41 12.30
C GLU A 135 0.35 13.34 10.78
N ILE A 136 -0.65 13.79 10.03
CA ILE A 136 -0.59 13.78 8.58
C ILE A 136 0.52 14.73 8.10
N SER A 137 0.61 15.90 8.74
CA SER A 137 1.62 16.90 8.38
C SER A 137 3.02 16.38 8.71
N LEU A 138 3.08 15.46 9.66
CA LEU A 138 4.33 14.87 10.10
C LEU A 138 4.91 13.92 9.06
N PHE A 139 4.02 13.21 8.36
CA PHE A 139 4.45 12.23 7.36
C PHE A 139 4.28 12.59 5.89
N PHE A 140 3.34 13.48 5.58
CA PHE A 140 3.05 13.84 4.19
C PHE A 140 3.11 15.32 3.85
N LYS A 141 3.48 15.61 2.61
CA LYS A 141 3.51 16.97 2.07
C LYS A 141 2.18 17.03 1.33
N PRO A 142 1.64 18.24 1.09
CA PRO A 142 0.36 18.36 0.37
C PRO A 142 0.34 17.65 -0.98
N GLU A 143 1.50 17.60 -1.63
CA GLU A 143 1.65 16.98 -2.94
C GLU A 143 1.59 15.46 -2.92
N GLU A 144 1.52 14.88 -1.72
CA GLU A 144 1.44 13.43 -1.58
C GLU A 144 0.03 12.99 -1.20
N LEU A 145 -0.88 13.97 -1.16
CA LEU A 145 -2.27 13.74 -0.80
C LEU A 145 -3.11 14.04 -2.04
N PHE A 146 -4.02 13.13 -2.40
CA PHE A 146 -4.81 13.29 -3.61
C PHE A 146 -6.34 13.32 -3.47
N GLU A 147 -6.97 14.03 -4.40
CA GLU A 147 -8.41 14.12 -4.45
C GLU A 147 -8.85 13.49 -5.78
N TYR A 148 -9.59 12.40 -5.68
CA TYR A 148 -10.04 11.69 -6.86
C TYR A 148 -11.30 10.90 -6.50
N PRO A 149 -12.09 10.52 -7.51
CA PRO A 149 -13.29 9.75 -7.20
C PRO A 149 -13.10 8.24 -7.07
N ARG A 150 -13.74 7.67 -6.07
CA ARG A 150 -13.71 6.22 -5.90
C ARG A 150 -14.91 5.79 -6.72
N ALA A 151 -14.96 4.53 -7.12
CA ALA A 151 -16.04 4.04 -7.97
C ALA A 151 -17.46 4.48 -7.59
N ALA A 152 -17.86 4.25 -6.33
CA ALA A 152 -19.21 4.57 -5.90
C ALA A 152 -19.51 5.97 -5.35
N ASP A 153 -18.56 6.89 -5.46
CA ASP A 153 -18.78 8.24 -4.94
C ASP A 153 -20.08 8.87 -5.46
N TRP A 154 -20.34 8.73 -6.76
CA TRP A 154 -21.55 9.30 -7.37
C TRP A 154 -22.86 8.85 -6.73
N PHE A 155 -22.89 7.62 -6.24
CA PHE A 155 -24.09 7.07 -5.61
C PHE A 155 -24.60 7.88 -4.43
N TYR A 156 -23.69 8.48 -3.67
CA TYR A 156 -24.05 9.24 -2.49
C TYR A 156 -24.34 10.72 -2.71
N LYS A 157 -23.95 11.24 -3.88
CA LYS A 157 -24.18 12.65 -4.16
C LYS A 157 -25.63 12.96 -4.50
N LYS A 158 -26.07 14.17 -4.14
CA LYS A 158 -27.44 14.62 -4.40
C LYS A 158 -27.52 15.50 -5.66
N SER B 5 22.55 -14.46 -8.25
CA SER B 5 21.42 -14.64 -7.29
C SER B 5 20.07 -14.69 -8.01
N GLU B 6 19.17 -15.53 -7.49
CA GLU B 6 17.85 -15.68 -8.08
C GLU B 6 16.94 -14.53 -7.62
N THR B 7 17.35 -13.83 -6.58
CA THR B 7 16.58 -12.72 -6.04
C THR B 7 16.54 -11.55 -7.02
N GLU B 8 15.32 -11.14 -7.40
CA GLU B 8 15.14 -10.04 -8.34
C GLU B 8 14.09 -9.08 -7.80
N ARG B 9 14.06 -7.89 -8.38
CA ARG B 9 13.10 -6.86 -8.01
C ARG B 9 12.33 -6.46 -9.25
N THR B 10 11.01 -6.39 -9.14
CA THR B 10 10.19 -5.98 -10.27
C THR B 10 9.31 -4.80 -9.87
N LEU B 11 8.91 -4.01 -10.85
CA LEU B 11 8.06 -2.84 -10.61
C LEU B 11 6.60 -3.17 -10.92
N VAL B 12 5.74 -2.94 -9.94
CA VAL B 12 4.30 -3.19 -10.09
C VAL B 12 3.53 -1.90 -9.95
N ILE B 13 2.53 -1.71 -10.82
CA ILE B 13 1.68 -0.54 -10.74
C ILE B 13 0.24 -0.99 -10.62
N ILE B 14 -0.41 -0.57 -9.54
CA ILE B 14 -1.82 -0.88 -9.35
C ILE B 14 -2.47 0.29 -10.06
N LYS B 15 -2.91 0.03 -11.29
CA LYS B 15 -3.53 1.02 -12.17
C LYS B 15 -4.82 1.65 -11.62
N PRO B 16 -5.20 2.81 -12.18
CA PRO B 16 -6.41 3.55 -11.78
C PRO B 16 -7.71 2.76 -11.62
N ASP B 17 -7.95 1.75 -12.46
CA ASP B 17 -9.18 0.97 -12.34
C ASP B 17 -9.21 0.17 -11.03
N ALA B 18 -8.05 -0.36 -10.61
CA ALA B 18 -7.97 -1.11 -9.37
C ALA B 18 -8.12 -0.17 -8.17
N VAL B 19 -7.50 1.01 -8.25
CA VAL B 19 -7.58 1.98 -7.17
C VAL B 19 -9.02 2.46 -6.97
N VAL B 20 -9.66 2.83 -8.06
CA VAL B 20 -11.05 3.30 -8.02
C VAL B 20 -12.01 2.23 -7.50
N ARG B 21 -11.76 0.99 -7.88
CA ARG B 21 -12.61 -0.13 -7.47
C ARG B 21 -12.30 -0.65 -6.06
N GLY B 22 -11.30 -0.06 -5.41
CA GLY B 22 -10.92 -0.48 -4.06
C GLY B 22 -10.31 -1.87 -3.98
N LEU B 23 -9.44 -2.19 -4.93
CA LEU B 23 -8.80 -3.49 -5.00
C LEU B 23 -7.32 -3.48 -4.59
N ILE B 24 -6.82 -2.35 -4.11
CA ILE B 24 -5.42 -2.23 -3.70
C ILE B 24 -4.98 -3.31 -2.72
N GLY B 25 -5.74 -3.46 -1.63
CA GLY B 25 -5.42 -4.44 -0.61
C GLY B 25 -5.42 -5.87 -1.10
N GLU B 26 -6.45 -6.26 -1.85
CA GLU B 26 -6.54 -7.62 -2.38
C GLU B 26 -5.34 -7.96 -3.25
N ILE B 27 -4.90 -7.02 -4.07
CA ILE B 27 -3.74 -7.24 -4.94
C ILE B 27 -2.46 -7.39 -4.12
N ILE B 28 -2.23 -6.49 -3.16
CA ILE B 28 -1.04 -6.55 -2.31
C ILE B 28 -0.99 -7.89 -1.55
N SER B 29 -2.12 -8.33 -1.02
CA SER B 29 -2.17 -9.58 -0.28
C SER B 29 -1.72 -10.77 -1.11
N ARG B 30 -2.04 -10.78 -2.40
CA ARG B 30 -1.63 -11.89 -3.25
C ARG B 30 -0.12 -12.03 -3.31
N PHE B 31 0.57 -10.90 -3.35
CA PHE B 31 2.03 -10.92 -3.39
C PHE B 31 2.58 -11.30 -2.02
N GLU B 32 2.05 -10.69 -0.96
CA GLU B 32 2.51 -11.02 0.38
C GLU B 32 2.34 -12.51 0.64
N LYS B 33 1.19 -13.05 0.25
CA LYS B 33 0.89 -14.47 0.45
C LYS B 33 1.84 -15.37 -0.33
N LYS B 34 2.25 -14.92 -1.51
CA LYS B 34 3.17 -15.67 -2.37
C LYS B 34 4.56 -15.76 -1.74
N GLY B 35 4.86 -14.78 -0.87
CA GLY B 35 6.14 -14.75 -0.21
C GLY B 35 7.02 -13.61 -0.72
N LEU B 36 6.47 -12.80 -1.62
CA LEU B 36 7.20 -11.67 -2.18
C LEU B 36 7.29 -10.56 -1.15
N LYS B 37 8.44 -9.87 -1.10
CA LYS B 37 8.68 -8.79 -0.16
C LYS B 37 8.49 -7.41 -0.79
N ILE B 38 7.72 -6.56 -0.10
CA ILE B 38 7.48 -5.20 -0.58
C ILE B 38 8.63 -4.32 -0.05
N VAL B 39 9.57 -3.96 -0.91
CA VAL B 39 10.70 -3.14 -0.48
C VAL B 39 10.47 -1.65 -0.74
N GLY B 40 9.46 -1.33 -1.54
CA GLY B 40 9.12 0.05 -1.84
C GLY B 40 7.66 0.14 -2.24
N MET B 41 7.01 1.26 -1.90
CA MET B 41 5.60 1.45 -2.23
C MET B 41 5.09 2.84 -1.88
N LYS B 42 4.22 3.37 -2.73
CA LYS B 42 3.66 4.69 -2.52
C LYS B 42 2.55 5.03 -3.51
N MET B 43 1.60 5.86 -3.07
CA MET B 43 0.53 6.29 -3.93
C MET B 43 0.97 7.61 -4.55
N ILE B 44 0.90 7.67 -5.88
CA ILE B 44 1.28 8.86 -6.61
C ILE B 44 0.27 9.08 -7.72
N TRP B 45 0.30 10.26 -8.35
CA TRP B 45 -0.60 10.54 -9.45
C TRP B 45 0.32 10.80 -10.65
N ILE B 46 0.43 9.80 -11.52
CA ILE B 46 1.29 9.89 -12.69
C ILE B 46 0.85 10.96 -13.68
N ASP B 47 1.79 11.79 -14.14
CA ASP B 47 1.46 12.81 -15.11
C ASP B 47 1.88 12.31 -16.50
N ARG B 48 1.38 12.97 -17.53
CA ARG B 48 1.68 12.59 -18.90
C ARG B 48 3.14 12.23 -19.17
N GLU B 49 4.06 13.16 -18.88
CA GLU B 49 5.48 12.94 -19.13
C GLU B 49 6.02 11.63 -18.55
N LEU B 50 5.79 11.40 -17.27
CA LEU B 50 6.26 10.18 -16.62
C LEU B 50 5.60 8.94 -17.23
N ALA B 51 4.32 9.06 -17.56
CA ALA B 51 3.57 7.96 -18.16
C ALA B 51 4.11 7.57 -19.53
N GLU B 52 4.42 8.58 -20.34
CA GLU B 52 4.94 8.36 -21.68
C GLU B 52 6.36 7.83 -21.59
N LYS B 53 7.03 8.09 -20.47
CA LYS B 53 8.39 7.63 -20.28
C LYS B 53 8.35 6.16 -19.89
N HIS B 54 7.43 5.82 -18.98
CA HIS B 54 7.27 4.43 -18.53
C HIS B 54 6.88 3.55 -19.71
N TYR B 55 5.94 4.02 -20.52
CA TYR B 55 5.45 3.29 -21.69
C TYR B 55 6.13 3.72 -22.98
N GLU B 56 7.40 4.12 -22.88
CA GLU B 56 8.17 4.56 -24.03
C GLU B 56 8.16 3.62 -25.23
N GLU B 57 8.16 2.31 -24.97
CA GLU B 57 8.18 1.31 -26.04
C GLU B 57 6.88 1.28 -26.86
N HIS B 58 5.84 1.97 -26.39
CA HIS B 58 4.56 1.99 -27.10
C HIS B 58 4.21 3.34 -27.69
N ARG B 59 5.17 4.26 -27.67
CA ARG B 59 4.95 5.61 -28.19
C ARG B 59 4.50 5.63 -29.66
N GLU B 60 4.93 4.63 -30.42
CA GLU B 60 4.58 4.57 -31.85
C GLU B 60 3.43 3.62 -32.15
N LYS B 61 2.61 3.31 -31.14
CA LYS B 61 1.49 2.41 -31.34
C LYS B 61 0.15 3.15 -31.29
N PRO B 62 -0.84 2.67 -32.04
CA PRO B 62 -2.18 3.25 -32.14
C PRO B 62 -2.93 3.51 -30.82
N PHE B 63 -2.78 2.60 -29.85
CA PHE B 63 -3.46 2.72 -28.56
C PHE B 63 -2.68 3.51 -27.51
N PHE B 64 -1.55 4.09 -27.90
CA PHE B 64 -0.72 4.86 -26.98
C PHE B 64 -1.47 5.92 -26.18
N LYS B 65 -2.10 6.85 -26.88
CA LYS B 65 -2.84 7.94 -26.22
C LYS B 65 -3.87 7.46 -25.20
N ALA B 66 -4.60 6.40 -25.53
CA ALA B 66 -5.62 5.86 -24.62
C ALA B 66 -4.96 5.30 -23.37
N LEU B 67 -3.80 4.68 -23.57
CA LEU B 67 -3.04 4.10 -22.47
C LEU B 67 -2.58 5.19 -21.50
N ILE B 68 -2.09 6.29 -22.05
CA ILE B 68 -1.63 7.41 -21.24
C ILE B 68 -2.77 8.03 -20.42
N ASP B 69 -3.92 8.22 -21.06
CA ASP B 69 -5.08 8.79 -20.37
C ASP B 69 -5.50 7.85 -19.25
N TYR B 70 -5.50 6.56 -19.56
CA TYR B 70 -5.88 5.52 -18.61
C TYR B 70 -4.97 5.49 -17.38
N ILE B 71 -3.67 5.31 -17.59
CA ILE B 71 -2.71 5.23 -16.47
C ILE B 71 -2.58 6.51 -15.66
N THR B 72 -3.07 7.63 -16.19
CA THR B 72 -2.99 8.91 -15.48
C THR B 72 -4.35 9.42 -15.03
N LYS B 73 -5.38 8.59 -15.18
CA LYS B 73 -6.74 8.96 -14.81
C LYS B 73 -6.95 9.30 -13.32
N THR B 74 -6.41 8.48 -12.43
CA THR B 74 -6.52 8.71 -10.98
C THR B 74 -5.19 8.31 -10.36
N PRO B 75 -5.03 8.52 -9.04
CA PRO B 75 -3.75 8.11 -8.46
C PRO B 75 -3.57 6.60 -8.59
N VAL B 76 -2.32 6.17 -8.60
CA VAL B 76 -2.02 4.75 -8.67
C VAL B 76 -1.13 4.41 -7.48
N VAL B 77 -0.85 3.14 -7.29
CA VAL B 77 0.03 2.71 -6.23
C VAL B 77 1.16 1.97 -6.92
N VAL B 78 2.36 2.52 -6.84
CA VAL B 78 3.52 1.89 -7.44
C VAL B 78 4.24 1.18 -6.30
N MET B 79 4.82 0.02 -6.60
CA MET B 79 5.52 -0.73 -5.56
C MET B 79 6.57 -1.61 -6.19
N VAL B 80 7.59 -1.91 -5.40
CA VAL B 80 8.68 -2.75 -5.85
C VAL B 80 8.64 -4.04 -5.06
N LEU B 81 8.54 -5.15 -5.79
CA LEU B 81 8.48 -6.46 -5.16
C LEU B 81 9.82 -7.18 -5.30
N GLU B 82 10.26 -7.79 -4.22
CA GLU B 82 11.52 -8.51 -4.22
C GLU B 82 11.32 -9.98 -3.85
N GLY B 83 11.99 -10.86 -4.57
CA GLY B 83 11.89 -12.28 -4.31
C GLY B 83 12.49 -13.12 -5.43
N ARG B 84 12.64 -14.41 -5.16
CA ARG B 84 13.20 -15.35 -6.12
C ARG B 84 12.46 -15.27 -7.47
N TYR B 85 13.23 -14.97 -8.53
CA TYR B 85 12.68 -14.84 -9.88
C TYR B 85 11.40 -14.01 -9.90
N ALA B 86 11.38 -12.96 -9.09
CA ALA B 86 10.22 -12.08 -8.98
C ALA B 86 9.66 -11.55 -10.30
N VAL B 87 10.53 -11.23 -11.25
CA VAL B 87 10.05 -10.69 -12.53
C VAL B 87 9.13 -11.65 -13.28
N GLU B 88 9.58 -12.88 -13.53
CA GLU B 88 8.74 -13.83 -14.25
C GLU B 88 7.54 -14.26 -13.40
N VAL B 89 7.78 -14.44 -12.10
CA VAL B 89 6.74 -14.85 -11.17
C VAL B 89 5.58 -13.87 -11.13
N VAL B 90 5.88 -12.57 -10.97
CA VAL B 90 4.83 -11.56 -10.92
C VAL B 90 4.11 -11.45 -12.26
N ARG B 91 4.83 -11.68 -13.36
CA ARG B 91 4.20 -11.63 -14.68
C ARG B 91 3.17 -12.76 -14.79
N LYS B 92 3.53 -13.93 -14.27
CA LYS B 92 2.64 -15.09 -14.30
C LYS B 92 1.40 -14.82 -13.44
N MET B 93 1.62 -14.18 -12.30
CA MET B 93 0.52 -13.85 -11.39
C MET B 93 -0.43 -12.83 -12.02
N ALA B 94 0.13 -11.91 -12.81
CA ALA B 94 -0.67 -10.89 -13.47
C ALA B 94 -1.67 -11.49 -14.47
N GLY B 95 -1.19 -12.39 -15.31
CA GLY B 95 -2.07 -13.01 -16.30
C GLY B 95 -1.99 -12.29 -17.63
N ALA B 96 -2.72 -12.81 -18.62
CA ALA B 96 -2.72 -12.24 -19.97
C ALA B 96 -3.12 -10.76 -20.03
N THR B 97 -2.43 -10.01 -20.88
CA THR B 97 -2.66 -8.57 -21.06
C THR B 97 -4.14 -8.18 -21.10
N ASP B 98 -4.91 -8.85 -21.96
CA ASP B 98 -6.34 -8.58 -22.04
C ASP B 98 -6.92 -9.49 -20.96
N PRO B 99 -7.50 -8.90 -19.91
CA PRO B 99 -8.10 -9.68 -18.82
C PRO B 99 -9.13 -10.74 -19.20
N LYS B 100 -9.82 -10.56 -20.33
CA LYS B 100 -10.81 -11.54 -20.74
C LYS B 100 -10.11 -12.86 -21.09
N ASP B 101 -8.83 -12.75 -21.46
CA ASP B 101 -8.01 -13.91 -21.82
C ASP B 101 -7.22 -14.47 -20.64
N ALA B 102 -7.12 -13.69 -19.56
CA ALA B 102 -6.37 -14.12 -18.38
C ALA B 102 -7.05 -15.30 -17.69
N ALA B 103 -6.25 -16.27 -17.28
CA ALA B 103 -6.77 -17.46 -16.61
C ALA B 103 -7.32 -17.19 -15.22
N PRO B 104 -8.37 -17.93 -14.82
CA PRO B 104 -8.94 -17.74 -13.48
C PRO B 104 -7.83 -18.09 -12.48
N GLY B 105 -7.64 -17.24 -11.48
CA GLY B 105 -6.59 -17.48 -10.51
C GLY B 105 -5.55 -16.36 -10.58
N THR B 106 -5.38 -15.78 -11.76
CA THR B 106 -4.43 -14.68 -11.95
C THR B 106 -5.13 -13.38 -11.54
N ILE B 107 -4.35 -12.33 -11.30
CA ILE B 107 -4.92 -11.04 -10.90
C ILE B 107 -5.89 -10.50 -11.96
N ARG B 108 -5.43 -10.44 -13.20
CA ARG B 108 -6.27 -9.95 -14.29
C ARG B 108 -7.42 -10.93 -14.55
N GLY B 109 -7.13 -12.22 -14.42
CA GLY B 109 -8.16 -13.22 -14.63
C GLY B 109 -9.30 -13.11 -13.63
N ASP B 110 -8.98 -12.82 -12.37
CA ASP B 110 -10.02 -12.71 -11.34
C ASP B 110 -10.66 -11.32 -11.24
N PHE B 111 -9.88 -10.27 -11.48
CA PHE B 111 -10.38 -8.90 -11.33
C PHE B 111 -10.70 -8.07 -12.59
N GLY B 112 -10.08 -8.38 -13.73
CA GLY B 112 -10.32 -7.58 -14.91
C GLY B 112 -11.23 -8.14 -15.99
N LEU B 113 -11.81 -7.23 -16.76
CA LEU B 113 -12.69 -7.58 -17.89
C LEU B 113 -13.07 -6.37 -18.74
N GLU B 114 -13.80 -5.43 -18.14
CA GLU B 114 -14.24 -4.22 -18.84
C GLU B 114 -13.08 -3.33 -19.29
N VAL B 115 -13.26 -2.68 -20.45
CA VAL B 115 -12.24 -1.81 -20.98
C VAL B 115 -12.83 -0.49 -21.50
N SER B 116 -11.97 0.51 -21.62
CA SER B 116 -12.36 1.80 -22.17
C SER B 116 -11.67 1.82 -23.53
N ASP B 117 -11.03 2.94 -23.88
CA ASP B 117 -10.31 3.01 -25.15
C ASP B 117 -8.97 2.29 -24.93
N ALA B 118 -8.63 2.09 -23.66
CA ALA B 118 -7.42 1.38 -23.29
C ALA B 118 -7.85 0.04 -22.71
N ILE B 119 -7.01 -0.97 -22.82
CA ILE B 119 -7.33 -2.28 -22.27
C ILE B 119 -7.03 -2.23 -20.77
N CYS B 120 -8.03 -1.83 -19.99
CA CYS B 120 -7.90 -1.73 -18.54
C CYS B 120 -7.61 -3.12 -17.98
N ASN B 121 -6.44 -3.31 -17.39
CA ASN B 121 -6.11 -4.63 -16.85
C ASN B 121 -5.57 -4.70 -15.43
N VAL B 122 -6.15 -3.90 -14.54
CA VAL B 122 -5.83 -3.93 -13.11
C VAL B 122 -4.43 -3.53 -12.64
N ILE B 123 -3.40 -4.15 -13.20
CA ILE B 123 -2.03 -3.84 -12.80
C ILE B 123 -1.03 -3.93 -13.92
N HIS B 124 0.17 -3.44 -13.63
CA HIS B 124 1.30 -3.49 -14.55
C HIS B 124 2.43 -4.24 -13.85
N ALA B 125 3.19 -5.01 -14.62
CA ALA B 125 4.34 -5.75 -14.09
C ALA B 125 5.45 -5.68 -15.12
N SER B 126 6.69 -5.42 -14.66
CA SER B 126 7.84 -5.35 -15.56
C SER B 126 7.96 -6.68 -16.32
N ASP B 127 8.20 -6.60 -17.64
CA ASP B 127 8.30 -7.82 -18.45
C ASP B 127 9.67 -8.50 -18.45
N SER B 128 10.70 -7.79 -17.99
CA SER B 128 12.05 -8.35 -17.96
C SER B 128 12.88 -7.71 -16.86
N LYS B 129 14.04 -8.29 -16.59
CA LYS B 129 14.94 -7.76 -15.57
C LYS B 129 15.41 -6.39 -16.02
N GLU B 130 15.63 -6.25 -17.33
CA GLU B 130 16.08 -4.98 -17.88
C GLU B 130 14.99 -3.92 -17.69
N SER B 131 13.74 -4.28 -18.02
CA SER B 131 12.61 -3.37 -17.87
C SER B 131 12.38 -3.00 -16.41
N ALA B 132 12.52 -4.00 -15.54
CA ALA B 132 12.33 -3.81 -14.11
C ALA B 132 13.29 -2.73 -13.60
N GLU B 133 14.56 -2.87 -13.95
CA GLU B 133 15.58 -1.92 -13.53
C GLU B 133 15.29 -0.51 -14.02
N ARG B 134 14.90 -0.38 -15.30
CA ARG B 134 14.59 0.92 -15.87
C ARG B 134 13.34 1.52 -15.24
N GLU B 135 12.31 0.69 -15.06
CA GLU B 135 11.05 1.12 -14.47
C GLU B 135 11.16 1.51 -13.00
N ILE B 136 11.87 0.71 -12.21
CA ILE B 136 12.04 1.01 -10.80
C ILE B 136 12.69 2.38 -10.61
N SER B 137 13.62 2.70 -11.50
CA SER B 137 14.34 3.98 -11.46
C SER B 137 13.46 5.20 -11.73
N LEU B 138 12.48 5.02 -12.61
CA LEU B 138 11.56 6.10 -12.97
C LEU B 138 10.64 6.51 -11.82
N PHE B 139 10.26 5.53 -11.00
CA PHE B 139 9.34 5.80 -9.89
C PHE B 139 9.95 5.86 -8.49
N PHE B 140 11.07 5.17 -8.27
CA PHE B 140 11.66 5.15 -6.94
C PHE B 140 13.12 5.59 -6.82
N LYS B 141 13.39 6.34 -5.76
CA LYS B 141 14.75 6.78 -5.46
C LYS B 141 15.31 5.71 -4.52
N PRO B 142 16.63 5.49 -4.54
CA PRO B 142 17.23 4.48 -3.67
C PRO B 142 16.78 4.59 -2.21
N GLU B 143 16.55 5.83 -1.77
CA GLU B 143 16.13 6.13 -0.41
C GLU B 143 14.71 5.68 -0.08
N GLU B 144 13.95 5.25 -1.09
CA GLU B 144 12.58 4.80 -0.91
C GLU B 144 12.47 3.28 -0.96
N LEU B 145 13.60 2.61 -1.15
CA LEU B 145 13.63 1.16 -1.21
C LEU B 145 14.34 0.67 0.04
N PHE B 146 13.78 -0.34 0.69
CA PHE B 146 14.35 -0.83 1.94
C PHE B 146 14.77 -2.28 1.99
N GLU B 147 15.69 -2.54 2.92
CA GLU B 147 16.21 -3.87 3.16
C GLU B 147 15.80 -4.23 4.57
N TYR B 148 14.94 -5.23 4.70
CA TYR B 148 14.47 -5.64 6.02
C TYR B 148 13.96 -7.07 5.93
N PRO B 149 13.94 -7.76 7.06
CA PRO B 149 13.47 -9.15 7.06
C PRO B 149 11.96 -9.34 7.20
N ARG B 150 11.42 -10.24 6.40
CA ARG B 150 10.01 -10.58 6.49
C ARG B 150 9.99 -11.74 7.49
N ALA B 151 8.83 -12.00 8.08
CA ALA B 151 8.69 -13.05 9.09
C ALA B 151 9.49 -14.34 8.85
N ALA B 152 9.15 -15.07 7.78
CA ALA B 152 9.80 -16.35 7.48
C ALA B 152 11.17 -16.35 6.79
N ASP B 153 11.77 -15.18 6.56
CA ASP B 153 13.06 -15.12 5.90
C ASP B 153 14.10 -16.09 6.45
N TRP B 154 14.17 -16.19 7.78
CA TRP B 154 15.14 -17.08 8.43
C TRP B 154 14.99 -18.55 8.02
N PHE B 155 13.77 -18.95 7.70
CA PHE B 155 13.48 -20.33 7.32
C PHE B 155 14.19 -20.81 6.05
N TYR B 156 14.43 -19.90 5.12
CA TYR B 156 15.05 -20.23 3.84
C TYR B 156 16.57 -20.13 3.74
N LYS B 157 17.23 -19.76 4.83
CA LYS B 157 18.67 -19.65 4.82
C LYS B 157 19.33 -20.97 4.44
N LYS B 158 20.40 -20.90 3.66
CA LYS B 158 21.14 -22.08 3.23
C LYS B 158 22.35 -22.28 4.14
N GLY B 159 22.20 -23.22 5.08
CA GLY B 159 23.27 -23.52 6.03
C GLY B 159 24.63 -23.82 5.44
#